data_3I96
#
_entry.id   3I96
#
_cell.length_a   60.455
_cell.length_b   60.455
_cell.length_c   191.458
_cell.angle_alpha   90.000
_cell.angle_beta   90.000
_cell.angle_gamma   120.000
#
_symmetry.space_group_name_H-M   'P 31 2 1'
#
loop_
_entity.id
_entity.type
_entity.pdbx_description
1 polymer 'Ethanolamine utilization protein eutS'
2 non-polymer 'CHLORIDE ION'
3 non-polymer GLYCEROL
4 non-polymer '2-[N-CYCLOHEXYLAMINO]ETHANE SULFONIC ACID'
5 non-polymer 'SULFATE ION'
6 water water
#
_entity_poly.entity_id   1
_entity_poly.type   'polypeptide(L)'
_entity_poly.pdbx_seq_one_letter_code
;MDKERIIQEFVPGKQVTLAHLIAHPGEELAKKIGVPDAGAIGIMTLTPGETAMIAGDLALKAADVHIGFLDRFSGALVIY
GSVGAVEEALSQTVSGLGRLLNYTLCEMTKSLEHHHHHH
;
_entity_poly.pdbx_strand_id   A,B,C
#
loop_
_chem_comp.id
_chem_comp.type
_chem_comp.name
_chem_comp.formula
CL non-polymer 'CHLORIDE ION' 'Cl -1'
GOL non-polymer GLYCEROL 'C3 H8 O3'
NHE non-polymer '2-[N-CYCLOHEXYLAMINO]ETHANE SULFONIC ACID' 'C8 H17 N O3 S'
SO4 non-polymer 'SULFATE ION' 'O4 S -2'
#
# COMPACT_ATOMS: atom_id res chain seq x y z
N ILE A 6 15.09 21.61 17.24
CA ILE A 6 16.23 20.89 16.61
C ILE A 6 15.77 20.08 15.39
N ILE A 7 16.72 19.73 14.52
CA ILE A 7 16.46 18.92 13.34
C ILE A 7 16.01 17.51 13.74
N GLN A 8 14.90 17.03 13.17
CA GLN A 8 14.45 15.67 13.42
C GLN A 8 14.96 14.74 12.31
N GLU A 9 15.57 13.62 12.68
CA GLU A 9 16.09 12.66 11.72
C GLU A 9 15.07 11.56 11.47
N PHE A 10 14.87 11.19 10.21
CA PHE A 10 13.88 10.20 9.88
CA PHE A 10 13.83 10.27 9.80
C PHE A 10 14.38 9.13 8.92
N VAL A 11 13.83 7.95 9.08
CA VAL A 11 13.99 6.83 8.17
C VAL A 11 12.64 6.11 8.05
N PRO A 12 12.44 5.27 7.02
CA PRO A 12 11.18 4.52 6.96
C PRO A 12 11.16 3.41 7.99
N GLY A 13 9.99 3.14 8.54
CA GLY A 13 9.77 1.94 9.32
C GLY A 13 9.44 0.78 8.40
N LYS A 14 9.54 -0.43 8.94
CA LYS A 14 9.14 -1.66 8.23
C LYS A 14 7.83 -2.10 8.86
N GLN A 15 6.73 -1.88 8.14
CA GLN A 15 5.42 -2.14 8.69
C GLN A 15 4.43 -2.64 7.64
N VAL A 16 3.62 -3.62 8.05
CA VAL A 16 2.41 -3.98 7.32
C VAL A 16 1.27 -3.25 8.03
N THR A 17 0.71 -2.24 7.37
CA THR A 17 -0.31 -1.37 7.97
C THR A 17 -1.67 -1.99 8.02
N LEU A 18 -2.00 -2.72 6.95
CA LEU A 18 -3.16 -3.58 6.96
C LEU A 18 -3.05 -4.71 5.95
N ALA A 19 -3.92 -5.70 6.15
CA ALA A 19 -3.95 -6.89 5.31
C ALA A 19 -5.36 -7.41 5.35
N HIS A 20 -6.13 -7.00 4.35
CA HIS A 20 -7.56 -7.07 4.39
C HIS A 20 -8.14 -7.87 3.22
N LEU A 21 -8.99 -8.84 3.58
CA LEU A 21 -9.70 -9.72 2.65
C LEU A 21 -11.09 -9.16 2.36
N ILE A 22 -11.39 -8.85 1.10
CA ILE A 22 -12.72 -8.43 0.70
C ILE A 22 -13.35 -9.58 -0.05
N ALA A 23 -14.33 -10.23 0.56
CA ALA A 23 -15.05 -11.32 -0.07
C ALA A 23 -16.12 -10.77 -1.01
N HIS A 24 -16.14 -11.29 -2.24
CA HIS A 24 -17.11 -10.92 -3.26
C HIS A 24 -17.36 -9.42 -3.40
N PRO A 25 -16.30 -8.68 -3.77
CA PRO A 25 -16.44 -7.24 -3.94
C PRO A 25 -17.44 -6.85 -4.99
N GLY A 26 -17.51 -7.61 -6.09
CA GLY A 26 -18.54 -7.38 -7.10
C GLY A 26 -18.04 -6.56 -8.28
N GLU A 27 -18.87 -6.57 -9.32
CA GLU A 27 -18.51 -6.00 -10.62
C GLU A 27 -18.18 -4.52 -10.57
N GLU A 28 -19.02 -3.78 -9.84
CA GLU A 28 -18.88 -2.32 -9.80
C GLU A 28 -17.55 -1.91 -9.17
N LEU A 29 -17.23 -2.47 -8.02
CA LEU A 29 -16.01 -2.16 -7.31
C LEU A 29 -14.78 -2.61 -8.08
N ALA A 30 -14.85 -3.84 -8.58
CA ALA A 30 -13.74 -4.40 -9.31
C ALA A 30 -13.40 -3.55 -10.54
N LYS A 31 -14.42 -3.11 -11.28
CA LYS A 31 -14.19 -2.30 -12.47
C LYS A 31 -13.52 -0.97 -12.12
N LYS A 32 -13.98 -0.37 -11.04
CA LYS A 32 -13.43 0.92 -10.62
C LYS A 32 -11.93 0.86 -10.32
N ILE A 33 -11.44 -0.26 -9.78
CA ILE A 33 -10.03 -0.38 -9.44
C ILE A 33 -9.24 -1.19 -10.47
N GLY A 34 -9.89 -1.59 -11.56
CA GLY A 34 -9.21 -2.28 -12.65
C GLY A 34 -8.61 -3.60 -12.20
N VAL A 35 -9.41 -4.39 -11.50
CA VAL A 35 -9.02 -5.73 -11.06
C VAL A 35 -10.13 -6.69 -11.48
N PRO A 36 -9.80 -7.95 -11.82
CA PRO A 36 -10.89 -8.86 -12.17
C PRO A 36 -11.95 -9.02 -11.08
N ASP A 37 -13.18 -9.32 -11.52
CA ASP A 37 -14.35 -9.52 -10.69
C ASP A 37 -14.27 -10.92 -10.07
N ALA A 38 -13.38 -11.03 -9.10
CA ALA A 38 -12.97 -12.29 -8.50
C ALA A 38 -13.77 -12.64 -7.26
N GLY A 39 -13.55 -13.84 -6.74
CA GLY A 39 -14.16 -14.29 -5.51
C GLY A 39 -13.81 -13.40 -4.34
N ALA A 40 -12.56 -12.92 -4.35
CA ALA A 40 -12.06 -12.03 -3.30
C ALA A 40 -10.97 -11.18 -3.87
N ILE A 41 -10.84 -9.98 -3.28
CA ILE A 41 -9.68 -9.13 -3.53
C ILE A 41 -9.05 -8.90 -2.16
N GLY A 42 -7.72 -9.03 -2.09
CA GLY A 42 -6.98 -8.81 -0.89
C GLY A 42 -6.10 -7.58 -1.06
N ILE A 43 -6.05 -6.74 -0.04
CA ILE A 43 -5.27 -5.53 -0.09
C ILE A 43 -4.35 -5.41 1.11
N MET A 44 -3.08 -5.11 0.83
CA MET A 44 -2.07 -4.87 1.85
C MET A 44 -1.46 -3.50 1.59
N THR A 45 -1.17 -2.77 2.67
CA THR A 45 -0.46 -1.50 2.64
C THR A 45 0.83 -1.73 3.37
N LEU A 46 1.94 -1.36 2.75
CA LEU A 46 3.28 -1.75 3.20
C LEU A 46 4.23 -0.55 3.18
N THR A 47 5.13 -0.51 4.16
CA THR A 47 6.18 0.48 4.25
C THR A 47 7.49 -0.21 4.55
N PRO A 48 8.58 0.16 3.85
CA PRO A 48 8.66 1.08 2.73
C PRO A 48 7.92 0.57 1.49
N GLY A 49 7.65 1.46 0.54
CA GLY A 49 6.86 1.05 -0.61
C GLY A 49 7.39 -0.09 -1.43
N GLU A 50 8.72 -0.21 -1.44
CA GLU A 50 9.38 -1.29 -2.19
C GLU A 50 8.97 -2.66 -1.68
N THR A 51 8.50 -2.73 -0.44
CA THR A 51 8.01 -3.98 0.14
C THR A 51 6.93 -4.63 -0.72
N ALA A 52 6.20 -3.84 -1.49
CA ALA A 52 5.12 -4.41 -2.30
C ALA A 52 5.65 -5.44 -3.30
N MET A 53 6.89 -5.24 -3.74
CA MET A 53 7.53 -6.17 -4.66
C MET A 53 7.86 -7.49 -3.98
N ILE A 54 8.36 -7.40 -2.75
CA ILE A 54 8.67 -8.59 -1.95
C ILE A 54 7.41 -9.36 -1.57
N ALA A 55 6.39 -8.61 -1.14
CA ALA A 55 5.11 -9.19 -0.76
C ALA A 55 4.43 -9.86 -1.92
N GLY A 56 4.56 -9.30 -3.12
CA GLY A 56 3.95 -9.90 -4.30
C GLY A 56 4.47 -11.31 -4.53
N ASP A 57 5.78 -11.48 -4.36
CA ASP A 57 6.41 -12.80 -4.52
C ASP A 57 5.85 -13.78 -3.48
N LEU A 58 5.81 -13.36 -2.22
CA LEU A 58 5.30 -14.22 -1.15
C LEU A 58 3.84 -14.62 -1.41
N ALA A 59 3.03 -13.67 -1.86
CA ALA A 59 1.62 -13.97 -2.11
C ALA A 59 1.45 -14.99 -3.23
N LEU A 60 2.12 -14.75 -4.35
CA LEU A 60 1.99 -15.65 -5.52
C LEU A 60 2.44 -17.07 -5.21
N LYS A 61 3.47 -17.22 -4.41
CA LYS A 61 3.98 -18.54 -4.05
C LYS A 61 3.18 -19.24 -2.94
N ALA A 62 2.33 -18.48 -2.24
CA ALA A 62 1.55 -19.00 -1.11
C ALA A 62 0.26 -19.70 -1.52
N ALA A 63 -0.35 -19.28 -2.63
CA ALA A 63 -1.67 -19.76 -2.99
C ALA A 63 -1.97 -19.43 -4.43
N ASP A 64 -3.09 -19.96 -4.93
CA ASP A 64 -3.51 -19.71 -6.30
C ASP A 64 -4.22 -18.37 -6.44
N VAL A 65 -3.41 -17.32 -6.34
CA VAL A 65 -3.85 -15.97 -6.51
C VAL A 65 -3.04 -15.31 -7.63
N HIS A 66 -3.51 -14.14 -8.03
CA HIS A 66 -2.81 -13.31 -8.97
C HIS A 66 -2.75 -11.90 -8.49
N ILE A 67 -1.84 -11.13 -9.09
CA ILE A 67 -1.69 -9.74 -8.71
C ILE A 67 -2.62 -8.84 -9.51
N GLY A 68 -3.49 -8.13 -8.80
CA GLY A 68 -4.35 -7.08 -9.40
C GLY A 68 -3.50 -5.89 -9.77
N PHE A 69 -2.79 -5.35 -8.78
CA PHE A 69 -1.73 -4.40 -9.04
C PHE A 69 -0.77 -4.36 -7.85
N LEU A 70 0.42 -3.84 -8.13
CA LEU A 70 1.49 -3.79 -7.17
C LEU A 70 2.13 -2.43 -7.37
N ASP A 71 2.13 -1.59 -6.35
CA ASP A 71 2.63 -0.22 -6.48
C ASP A 71 3.77 0.08 -5.53
N ARG A 72 4.96 0.24 -6.07
CA ARG A 72 6.15 0.49 -5.27
C ARG A 72 6.17 1.87 -4.64
N PHE A 73 5.31 2.77 -5.13
CA PHE A 73 5.27 4.16 -4.62
C PHE A 73 4.51 4.18 -3.30
N SER A 74 3.24 3.79 -3.34
CA SER A 74 2.41 3.74 -2.14
C SER A 74 2.71 2.55 -1.25
N GLY A 75 3.25 1.48 -1.81
CA GLY A 75 3.36 0.24 -1.07
C GLY A 75 2.14 -0.67 -1.16
N ALA A 76 1.18 -0.35 -2.02
CA ALA A 76 -0.01 -1.16 -2.12
C ALA A 76 0.25 -2.46 -2.86
N LEU A 77 -0.31 -3.54 -2.34
CA LEU A 77 -0.34 -4.81 -3.06
C LEU A 77 -1.81 -5.24 -3.04
N VAL A 78 -2.36 -5.49 -4.22
CA VAL A 78 -3.74 -5.93 -4.34
C VAL A 78 -3.74 -7.23 -5.15
N ILE A 79 -4.27 -8.29 -4.54
CA ILE A 79 -4.31 -9.63 -5.12
C ILE A 79 -5.75 -10.08 -5.28
N TYR A 80 -5.97 -11.11 -6.10
CA TYR A 80 -7.32 -11.60 -6.32
C TYR A 80 -7.33 -13.09 -6.59
N GLY A 81 -8.48 -13.70 -6.37
CA GLY A 81 -8.67 -15.11 -6.58
C GLY A 81 -9.84 -15.59 -5.78
N SER A 82 -9.90 -16.89 -5.50
CA SER A 82 -10.96 -17.42 -4.64
C SER A 82 -10.80 -16.92 -3.22
N VAL A 83 -11.88 -16.93 -2.46
CA VAL A 83 -11.81 -16.42 -1.09
C VAL A 83 -10.77 -17.17 -0.26
N GLY A 84 -10.74 -18.50 -0.36
CA GLY A 84 -9.78 -19.29 0.39
C GLY A 84 -8.34 -19.00 -0.01
N ALA A 85 -8.11 -18.86 -1.32
CA ALA A 85 -6.75 -18.61 -1.82
C ALA A 85 -6.24 -17.23 -1.37
N VAL A 86 -7.12 -16.23 -1.45
CA VAL A 86 -6.72 -14.87 -1.04
C VAL A 86 -6.45 -14.82 0.47
N GLU A 87 -7.29 -15.48 1.26
CA GLU A 87 -7.06 -15.56 2.71
C GLU A 87 -5.70 -16.18 3.02
N GLU A 88 -5.40 -17.30 2.37
CA GLU A 88 -4.11 -17.96 2.58
C GLU A 88 -2.94 -17.09 2.13
N ALA A 89 -3.04 -16.45 0.96
CA ALA A 89 -1.96 -15.61 0.47
C ALA A 89 -1.72 -14.43 1.40
N LEU A 90 -2.77 -13.79 1.89
CA LEU A 90 -2.61 -12.66 2.82
C LEU A 90 -1.91 -13.13 4.11
N SER A 91 -2.39 -14.24 4.64
CA SER A 91 -1.88 -14.77 5.91
C SER A 91 -0.40 -15.10 5.81
N GLN A 92 -0.05 -15.82 4.75
CA GLN A 92 1.34 -16.22 4.54
C GLN A 92 2.28 -15.05 4.21
N THR A 93 1.76 -14.05 3.50
CA THR A 93 2.55 -12.88 3.19
C THR A 93 2.89 -12.09 4.45
N VAL A 94 1.91 -11.85 5.31
CA VAL A 94 2.17 -11.13 6.54
C VAL A 94 3.16 -11.92 7.41
N SER A 95 2.90 -13.22 7.57
CA SER A 95 3.77 -14.05 8.42
C SER A 95 5.22 -14.11 7.87
N GLY A 96 5.36 -14.22 6.54
CA GLY A 96 6.67 -14.23 5.88
C GLY A 96 7.46 -12.93 6.02
N LEU A 97 6.78 -11.80 5.88
CA LEU A 97 7.44 -10.53 6.13
C LEU A 97 7.95 -10.46 7.58
N GLY A 98 7.19 -11.03 8.51
CA GLY A 98 7.62 -11.09 9.93
C GLY A 98 8.83 -11.98 10.10
N ARG A 99 8.80 -13.17 9.50
CA ARG A 99 9.86 -14.15 9.68
CA ARG A 99 9.87 -14.16 9.68
C ARG A 99 11.14 -13.76 8.95
N LEU A 100 11.01 -13.34 7.70
CA LEU A 100 12.17 -13.03 6.87
C LEU A 100 12.79 -11.68 7.14
N LEU A 101 11.96 -10.68 7.47
CA LEU A 101 12.42 -9.30 7.51
C LEU A 101 12.07 -8.54 8.80
N ASN A 102 11.51 -9.23 9.79
CA ASN A 102 11.17 -8.61 11.06
C ASN A 102 10.26 -7.38 10.93
N TYR A 103 9.30 -7.45 10.01
CA TYR A 103 8.30 -6.42 9.90
C TYR A 103 7.41 -6.36 11.14
N THR A 104 6.99 -5.14 11.47
CA THR A 104 5.88 -4.93 12.38
C THR A 104 4.61 -5.35 11.64
N LEU A 105 3.85 -6.25 12.24
CA LEU A 105 2.72 -6.89 11.56
C LEU A 105 1.38 -6.32 12.03
N CYS A 106 0.32 -6.66 11.31
CA CYS A 106 -1.03 -6.29 11.68
C CYS A 106 -1.82 -7.56 11.77
N GLU A 107 -3.05 -7.44 12.26
CA GLU A 107 -4.00 -8.55 12.23
C GLU A 107 -4.59 -8.68 10.84
N MET A 108 -4.91 -9.90 10.44
CA MET A 108 -5.64 -10.13 9.18
CA MET A 108 -5.62 -10.16 9.21
C MET A 108 -7.09 -9.77 9.43
N THR A 109 -7.67 -8.95 8.57
CA THR A 109 -9.06 -8.56 8.70
C THR A 109 -9.84 -8.99 7.46
N LYS A 110 -11.16 -9.06 7.63
CA LYS A 110 -12.02 -9.51 6.55
C LYS A 110 -13.36 -8.78 6.51
N SER A 111 -13.80 -8.54 5.28
CA SER A 111 -15.17 -8.13 5.00
CA SER A 111 -15.17 -8.12 4.97
C SER A 111 -15.87 -9.29 4.32
N LEU A 112 -16.87 -9.85 5.01
CA LEU A 112 -17.61 -11.02 4.58
C LEU A 112 -18.50 -10.76 3.36
N GLU A 113 -18.95 -11.84 2.72
CA GLU A 113 -19.81 -11.73 1.55
C GLU A 113 -21.15 -11.14 2.03
N HIS A 114 -21.91 -10.53 1.13
CA HIS A 114 -23.17 -9.83 1.54
C HIS A 114 -22.89 -8.64 2.48
N MET B 1 -11.47 25.73 16.62
CA MET B 1 -10.18 26.44 16.41
C MET B 1 -9.32 25.64 15.44
N ASP B 2 -8.75 26.30 14.43
CA ASP B 2 -7.87 25.62 13.47
C ASP B 2 -6.62 25.10 14.18
N LYS B 3 -6.06 24.01 13.68
CA LYS B 3 -4.85 23.46 14.25
C LYS B 3 -3.71 24.46 14.07
N GLU B 4 -2.86 24.61 15.09
CA GLU B 4 -1.66 25.42 15.00
C GLU B 4 -0.69 24.79 14.00
N ARG B 5 -0.02 25.63 13.22
CA ARG B 5 0.99 25.14 12.29
C ARG B 5 2.36 25.46 12.85
N ILE B 6 3.27 24.49 12.78
CA ILE B 6 4.64 24.74 13.23
C ILE B 6 5.57 24.23 12.12
N ILE B 7 6.54 25.06 11.74
CA ILE B 7 7.58 24.66 10.78
C ILE B 7 8.55 23.74 11.48
N GLN B 8 8.80 22.57 10.90
CA GLN B 8 9.74 21.63 11.49
C GLN B 8 10.77 21.18 10.48
N GLU B 9 12.04 21.34 10.84
CA GLU B 9 13.12 20.85 9.99
C GLU B 9 13.34 19.36 10.17
N PHE B 10 13.52 18.68 9.05
CA PHE B 10 13.78 17.24 9.03
CA PHE B 10 13.81 17.26 9.07
C PHE B 10 15.00 16.93 8.16
N VAL B 11 15.74 15.92 8.56
CA VAL B 11 16.81 15.40 7.75
C VAL B 11 16.66 13.89 7.63
N PRO B 12 17.00 13.33 6.47
CA PRO B 12 16.95 11.90 6.30
C PRO B 12 18.15 11.26 6.99
N GLY B 13 17.94 10.11 7.61
CA GLY B 13 19.06 9.33 8.15
C GLY B 13 19.72 8.58 7.01
N LYS B 14 20.91 8.06 7.24
CA LYS B 14 21.63 7.32 6.22
C LYS B 14 21.44 5.84 6.55
N GLN B 15 20.57 5.18 5.82
CA GLN B 15 20.14 3.84 6.14
C GLN B 15 19.78 3.06 4.90
N VAL B 16 20.22 1.79 4.88
CA VAL B 16 19.73 0.80 3.90
C VAL B 16 18.68 0.00 4.64
N THR B 17 17.41 0.16 4.27
CA THR B 17 16.33 -0.51 4.99
C THR B 17 16.03 -1.93 4.52
N LEU B 18 16.14 -2.15 3.22
CA LEU B 18 15.92 -3.43 2.57
C LEU B 18 17.09 -3.72 1.63
N ALA B 19 17.51 -4.98 1.61
CA ALA B 19 18.44 -5.50 0.62
C ALA B 19 18.09 -6.97 0.43
N HIS B 20 17.10 -7.21 -0.43
CA HIS B 20 16.39 -8.47 -0.47
C HIS B 20 16.48 -9.13 -1.84
N LEU B 21 16.81 -10.41 -1.83
CA LEU B 21 16.90 -11.21 -3.04
CA LEU B 21 16.91 -11.23 -3.03
C LEU B 21 15.61 -12.01 -3.22
N ILE B 22 14.91 -11.74 -4.32
CA ILE B 22 13.75 -12.55 -4.70
C ILE B 22 14.23 -13.59 -5.70
N ALA B 23 14.34 -14.82 -5.23
CA ALA B 23 14.77 -15.90 -6.11
C ALA B 23 13.56 -16.41 -6.89
N HIS B 24 13.75 -16.60 -8.19
CA HIS B 24 12.77 -17.20 -9.06
C HIS B 24 11.44 -16.43 -8.97
N PRO B 25 11.47 -15.16 -9.37
CA PRO B 25 10.24 -14.34 -9.26
C PRO B 25 9.07 -14.81 -10.11
N GLY B 26 9.37 -15.40 -11.27
CA GLY B 26 8.33 -15.84 -12.20
C GLY B 26 7.91 -14.70 -13.12
N GLU B 27 7.19 -15.05 -14.18
CA GLU B 27 6.84 -14.11 -15.24
C GLU B 27 5.85 -13.03 -14.79
N GLU B 28 4.80 -13.46 -14.08
CA GLU B 28 3.77 -12.53 -13.62
C GLU B 28 4.40 -11.43 -12.75
N LEU B 29 5.18 -11.84 -11.75
CA LEU B 29 5.75 -10.85 -10.83
C LEU B 29 6.72 -9.93 -11.56
N ALA B 30 7.56 -10.51 -12.42
CA ALA B 30 8.54 -9.71 -13.16
C ALA B 30 7.81 -8.63 -13.98
N LYS B 31 6.74 -9.02 -14.65
CA LYS B 31 5.94 -8.07 -15.44
C LYS B 31 5.33 -6.98 -14.55
N LYS B 32 4.81 -7.36 -13.40
CA LYS B 32 4.19 -6.36 -12.49
C LYS B 32 5.22 -5.42 -11.89
N ILE B 33 6.41 -5.93 -11.59
CA ILE B 33 7.49 -5.09 -11.08
C ILE B 33 7.94 -4.19 -12.21
N GLY B 34 7.96 -4.73 -13.42
CA GLY B 34 8.31 -4.01 -14.64
C GLY B 34 9.76 -4.20 -15.05
N VAL B 35 10.26 -5.42 -14.87
CA VAL B 35 11.61 -5.80 -15.26
C VAL B 35 11.55 -7.11 -16.02
N PRO B 36 12.61 -7.44 -16.76
CA PRO B 36 12.62 -8.72 -17.43
C PRO B 36 12.58 -9.88 -16.45
N ASP B 37 12.02 -11.01 -16.88
CA ASP B 37 12.12 -12.21 -16.08
C ASP B 37 13.61 -12.54 -16.01
N ALA B 38 14.07 -12.93 -14.84
CA ALA B 38 15.45 -13.31 -14.65
C ALA B 38 15.46 -14.33 -13.53
N GLY B 39 16.63 -14.89 -13.25
CA GLY B 39 16.77 -15.82 -12.13
C GLY B 39 16.41 -15.21 -10.78
N ALA B 40 16.69 -13.91 -10.64
CA ALA B 40 16.47 -13.23 -9.38
C ALA B 40 16.26 -11.75 -9.62
N ILE B 41 15.55 -11.12 -8.68
CA ILE B 41 15.38 -9.67 -8.63
C ILE B 41 15.87 -9.23 -7.26
N GLY B 42 16.67 -8.17 -7.21
CA GLY B 42 17.14 -7.63 -5.97
C GLY B 42 16.46 -6.31 -5.71
N ILE B 43 16.04 -6.14 -4.47
CA ILE B 43 15.27 -4.97 -4.03
C ILE B 43 16.02 -4.24 -2.92
N MET B 44 16.33 -2.96 -3.13
CA MET B 44 16.90 -2.14 -2.08
C MET B 44 16.09 -0.87 -1.87
N THR B 45 16.03 -0.47 -0.62
CA THR B 45 15.47 0.79 -0.18
C THR B 45 16.56 1.58 0.51
N LEU B 46 16.80 2.79 0.00
CA LEU B 46 17.85 3.68 0.46
C LEU B 46 17.25 4.98 1.02
N THR B 47 17.83 5.45 2.10
CA THR B 47 17.57 6.77 2.66
C THR B 47 18.92 7.41 2.97
N PRO B 48 19.13 8.66 2.54
CA PRO B 48 18.30 9.49 1.68
C PRO B 48 18.04 8.78 0.35
N GLY B 49 16.92 9.08 -0.28
CA GLY B 49 16.55 8.43 -1.53
C GLY B 49 17.60 8.56 -2.63
N GLU B 50 18.28 9.69 -2.64
CA GLU B 50 19.24 9.99 -3.72
C GLU B 50 20.42 9.02 -3.75
N THR B 51 20.63 8.30 -2.65
CA THR B 51 21.71 7.30 -2.58
C THR B 51 21.50 6.14 -3.56
N ALA B 52 20.29 6.00 -4.10
CA ALA B 52 20.03 4.99 -5.09
C ALA B 52 21.00 5.03 -6.27
N MET B 53 21.49 6.22 -6.66
CA MET B 53 22.40 6.32 -7.79
C MET B 53 23.77 5.69 -7.51
N ILE B 54 24.35 6.05 -6.37
CA ILE B 54 25.62 5.42 -5.92
C ILE B 54 25.42 3.93 -5.71
N ALA B 55 24.29 3.54 -5.11
CA ALA B 55 24.02 2.12 -4.87
C ALA B 55 23.96 1.34 -6.18
N GLY B 56 23.34 1.91 -7.21
CA GLY B 56 23.26 1.25 -8.50
C GLY B 56 24.65 1.04 -9.12
N ASP B 57 25.50 2.05 -9.00
CA ASP B 57 26.85 1.94 -9.51
C ASP B 57 27.64 0.89 -8.74
N LEU B 58 27.53 0.84 -7.42
CA LEU B 58 28.18 -0.24 -6.64
C LEU B 58 27.69 -1.61 -7.09
N ALA B 59 26.39 -1.74 -7.32
CA ALA B 59 25.82 -3.04 -7.72
C ALA B 59 26.39 -3.52 -9.05
N LEU B 60 26.42 -2.62 -10.03
CA LEU B 60 26.92 -2.94 -11.37
C LEU B 60 28.37 -3.36 -11.37
N LYS B 61 29.17 -2.72 -10.52
CA LYS B 61 30.61 -3.03 -10.44
C LYS B 61 30.88 -4.35 -9.70
N ALA B 62 29.96 -4.77 -8.86
CA ALA B 62 30.15 -5.95 -8.02
C ALA B 62 29.90 -7.27 -8.75
N ALA B 63 28.99 -7.26 -9.73
CA ALA B 63 28.55 -8.49 -10.37
C ALA B 63 27.83 -8.23 -11.68
N ASP B 64 27.53 -9.30 -12.40
CA ASP B 64 26.87 -9.18 -13.69
C ASP B 64 25.37 -9.07 -13.49
N VAL B 65 24.95 -7.92 -12.97
CA VAL B 65 23.55 -7.62 -12.85
C VAL B 65 23.21 -6.46 -13.74
N HIS B 66 21.92 -6.20 -13.86
CA HIS B 66 21.40 -5.10 -14.64
C HIS B 66 20.46 -4.26 -13.81
N ILE B 67 20.41 -2.98 -14.10
CA ILE B 67 19.47 -2.09 -13.42
C ILE B 67 18.06 -2.22 -14.00
N GLY B 68 17.12 -2.63 -13.15
CA GLY B 68 15.72 -2.66 -13.53
C GLY B 68 15.19 -1.25 -13.49
N PHE B 69 15.26 -0.66 -12.30
CA PHE B 69 15.14 0.76 -12.20
CA PHE B 69 14.84 0.72 -11.97
C PHE B 69 15.81 1.28 -10.93
N LEU B 70 16.00 2.58 -10.95
CA LEU B 70 16.73 3.29 -9.94
C LEU B 70 15.95 4.58 -9.78
N ASP B 71 15.50 4.87 -8.58
CA ASP B 71 14.65 6.03 -8.29
C ASP B 71 15.23 6.86 -7.18
N ARG B 72 15.89 7.97 -7.56
CA ARG B 72 16.53 8.82 -6.58
C ARG B 72 15.55 9.59 -5.70
N PHE B 73 14.28 9.64 -6.07
CA PHE B 73 13.30 10.32 -5.24
C PHE B 73 12.70 9.38 -4.17
N SER B 74 12.30 8.19 -4.57
CA SER B 74 11.74 7.25 -3.61
C SER B 74 12.79 6.45 -2.82
N GLY B 75 14.01 6.43 -3.33
CA GLY B 75 15.09 5.61 -2.77
C GLY B 75 15.08 4.14 -3.18
N ALA B 76 14.43 3.82 -4.28
CA ALA B 76 14.37 2.42 -4.73
C ALA B 76 15.51 2.09 -5.67
N LEU B 77 16.06 0.88 -5.51
CA LEU B 77 16.95 0.28 -6.50
C LEU B 77 16.47 -1.15 -6.71
N VAL B 78 16.19 -1.48 -7.97
CA VAL B 78 15.77 -2.81 -8.35
C VAL B 78 16.74 -3.32 -9.42
N ILE B 79 17.38 -4.44 -9.13
CA ILE B 79 18.33 -5.05 -10.04
C ILE B 79 17.85 -6.45 -10.40
N TYR B 80 18.42 -7.01 -11.47
CA TYR B 80 18.08 -8.37 -11.88
C TYR B 80 19.27 -9.05 -12.55
N GLY B 81 19.24 -10.37 -12.55
CA GLY B 81 20.30 -11.19 -13.10
C GLY B 81 20.17 -12.58 -12.49
N SER B 82 21.26 -13.33 -12.48
CA SER B 82 21.26 -14.65 -11.85
C SER B 82 21.14 -14.52 -10.35
N VAL B 83 20.69 -15.58 -9.69
CA VAL B 83 20.61 -15.60 -8.23
C VAL B 83 21.99 -15.26 -7.65
N GLY B 84 23.04 -15.91 -8.13
CA GLY B 84 24.37 -15.64 -7.61
C GLY B 84 24.85 -14.20 -7.79
N ALA B 85 24.60 -13.64 -8.97
CA ALA B 85 25.02 -12.30 -9.30
C ALA B 85 24.27 -11.28 -8.47
N VAL B 86 22.96 -11.48 -8.35
CA VAL B 86 22.14 -10.56 -7.55
C VAL B 86 22.56 -10.61 -6.08
N GLU B 87 22.82 -11.80 -5.57
CA GLU B 87 23.26 -11.96 -4.18
C GLU B 87 24.55 -11.18 -3.93
N GLU B 88 25.51 -11.36 -4.84
CA GLU B 88 26.81 -10.69 -4.74
C GLU B 88 26.65 -9.18 -4.84
N ALA B 89 25.84 -8.72 -5.79
CA ALA B 89 25.61 -7.28 -5.95
C ALA B 89 24.98 -6.68 -4.72
N LEU B 90 23.95 -7.32 -4.17
CA LEU B 90 23.32 -6.80 -2.95
C LEU B 90 24.33 -6.74 -1.81
N SER B 91 25.05 -7.85 -1.60
CA SER B 91 26.03 -7.93 -0.52
CA SER B 91 26.01 -7.91 -0.51
C SER B 91 27.11 -6.84 -0.62
N GLN B 92 27.65 -6.66 -1.81
CA GLN B 92 28.74 -5.71 -2.00
C GLN B 92 28.25 -4.26 -1.96
N THR B 93 27.01 -4.04 -2.36
CA THR B 93 26.44 -2.70 -2.32
C THR B 93 26.23 -2.26 -0.89
N VAL B 94 25.62 -3.13 -0.09
CA VAL B 94 25.41 -2.84 1.32
CA VAL B 94 25.41 -2.81 1.32
C VAL B 94 26.76 -2.61 2.03
N SER B 95 27.72 -3.51 1.78
CA SER B 95 29.06 -3.41 2.37
CA SER B 95 29.03 -3.40 2.43
C SER B 95 29.74 -2.10 2.03
N GLY B 96 29.68 -1.73 0.76
CA GLY B 96 30.28 -0.49 0.29
C GLY B 96 29.70 0.77 0.86
N LEU B 97 28.37 0.82 0.95
CA LEU B 97 27.70 1.94 1.57
C LEU B 97 28.09 2.07 3.04
N GLY B 98 28.23 0.95 3.74
CA GLY B 98 28.70 0.98 5.11
C GLY B 98 30.14 1.44 5.24
N ARG B 99 31.03 0.79 4.50
CA ARG B 99 32.47 1.00 4.64
C ARG B 99 32.93 2.36 4.19
N LEU B 100 32.35 2.83 3.10
CA LEU B 100 32.81 4.07 2.46
C LEU B 100 32.00 5.29 2.84
N LEU B 101 30.70 5.13 3.06
CA LEU B 101 29.80 6.26 3.36
C LEU B 101 29.13 6.21 4.72
N ASN B 102 29.51 5.24 5.55
CA ASN B 102 29.02 5.17 6.93
C ASN B 102 27.51 5.00 7.06
N TYR B 103 26.91 4.25 6.14
CA TYR B 103 25.48 3.94 6.20
C TYR B 103 25.18 2.95 7.33
N THR B 104 24.02 3.12 7.95
CA THR B 104 23.44 2.08 8.80
C THR B 104 22.90 1.01 7.85
N LEU B 105 23.20 -0.25 8.17
CA LEU B 105 22.93 -1.34 7.27
C LEU B 105 21.88 -2.31 7.81
N CYS B 106 21.17 -2.93 6.89
CA CYS B 106 20.26 -4.02 7.17
C CYS B 106 20.94 -5.33 6.85
N GLU B 107 20.30 -6.43 7.26
CA GLU B 107 20.77 -7.76 6.87
C GLU B 107 20.39 -8.02 5.42
N MET B 108 21.22 -8.79 4.72
CA MET B 108 20.87 -9.27 3.38
CA MET B 108 20.90 -9.30 3.39
C MET B 108 19.89 -10.41 3.58
N THR B 109 18.70 -10.27 3.01
CA THR B 109 17.64 -11.26 3.19
C THR B 109 17.30 -11.89 1.85
N LYS B 110 16.64 -13.05 1.89
CA LYS B 110 16.35 -13.78 0.67
C LYS B 110 15.06 -14.55 0.80
N SER B 111 14.33 -14.60 -0.31
CA SER B 111 13.12 -15.39 -0.47
C SER B 111 13.50 -16.49 -1.47
N ARG C 5 18.79 12.43 21.55
CA ARG C 5 18.09 12.60 20.25
C ARG C 5 17.62 11.26 19.67
N ILE C 6 16.50 11.29 18.96
CA ILE C 6 15.87 10.07 18.46
C ILE C 6 15.84 10.04 16.94
N ILE C 7 15.80 8.83 16.40
CA ILE C 7 15.51 8.63 14.98
C ILE C 7 14.04 8.23 14.90
N GLN C 8 13.26 8.97 14.13
CA GLN C 8 11.89 8.62 13.95
C GLN C 8 11.77 7.71 12.77
N GLU C 9 11.13 6.55 12.98
CA GLU C 9 10.83 5.62 11.90
C GLU C 9 9.41 5.88 11.46
N PHE C 10 9.26 6.48 10.29
CA PHE C 10 7.96 6.90 9.77
CA PHE C 10 7.94 6.89 9.83
C PHE C 10 7.14 5.74 9.20
N VAL C 11 5.86 5.67 9.61
CA VAL C 11 4.93 4.70 9.04
C VAL C 11 3.60 5.45 8.87
N PRO C 12 2.76 4.99 7.94
CA PRO C 12 1.49 5.68 7.73
C PRO C 12 0.45 5.41 8.81
N GLY C 13 -0.30 6.44 9.18
CA GLY C 13 -1.50 6.29 9.96
C GLY C 13 -2.69 5.93 9.08
N LYS C 14 -3.75 5.49 9.75
CA LYS C 14 -5.03 5.18 9.11
C LYS C 14 -6.05 6.17 9.63
N GLN C 15 -6.64 6.95 8.73
CA GLN C 15 -7.55 8.00 9.14
C GLN C 15 -8.65 8.23 8.12
N VAL C 16 -9.87 8.43 8.62
CA VAL C 16 -10.99 8.91 7.79
C VAL C 16 -11.09 10.39 8.06
N THR C 17 -10.98 11.19 7.01
CA THR C 17 -10.87 12.63 7.16
C THR C 17 -12.12 13.41 6.74
N LEU C 18 -12.98 12.77 5.97
CA LEU C 18 -14.27 13.36 5.61
C LEU C 18 -15.29 12.23 5.45
N ALA C 19 -16.51 12.45 5.93
CA ALA C 19 -17.62 11.54 5.70
C ALA C 19 -18.88 12.39 5.65
N HIS C 20 -19.24 12.80 4.45
CA HIS C 20 -20.19 13.87 4.25
C HIS C 20 -21.38 13.43 3.40
N LEU C 21 -22.59 13.75 3.90
CA LEU C 21 -23.84 13.44 3.26
C LEU C 21 -24.43 14.70 2.63
N ILE C 22 -24.63 14.67 1.31
CA ILE C 22 -25.32 15.75 0.62
C ILE C 22 -26.73 15.23 0.31
N ALA C 23 -27.71 15.71 1.06
CA ALA C 23 -29.11 15.34 0.86
C ALA C 23 -29.72 16.15 -0.30
N HIS C 24 -30.34 15.46 -1.24
CA HIS C 24 -30.95 16.08 -2.42
C HIS C 24 -30.08 17.10 -3.12
N PRO C 25 -28.96 16.64 -3.70
CA PRO C 25 -28.05 17.54 -4.43
C PRO C 25 -28.79 18.33 -5.51
N GLY C 26 -29.67 17.68 -6.26
CA GLY C 26 -30.36 18.31 -7.39
C GLY C 26 -29.60 18.10 -8.69
N GLU C 27 -30.28 18.40 -9.78
CA GLU C 27 -29.77 18.09 -11.13
C GLU C 27 -28.39 18.72 -11.39
N GLU C 28 -28.26 20.00 -11.07
CA GLU C 28 -27.02 20.71 -11.37
C GLU C 28 -25.82 20.21 -10.57
N LEU C 29 -25.97 20.03 -9.25
CA LEU C 29 -24.88 19.57 -8.42
C LEU C 29 -24.50 18.12 -8.73
N ALA C 30 -25.51 17.27 -8.96
CA ALA C 30 -25.23 15.89 -9.35
C ALA C 30 -24.39 15.86 -10.62
N LYS C 31 -24.76 16.68 -11.60
CA LYS C 31 -23.99 16.73 -12.84
C LYS C 31 -22.54 17.20 -12.60
N LYS C 32 -22.37 18.19 -11.72
CA LYS C 32 -21.03 18.74 -11.39
C LYS C 32 -20.13 17.69 -10.76
N ILE C 33 -20.70 16.93 -9.84
CA ILE C 33 -19.98 15.87 -9.17
C ILE C 33 -19.72 14.68 -10.08
N GLY C 34 -20.61 14.46 -11.04
CA GLY C 34 -20.47 13.38 -12.01
C GLY C 34 -21.22 12.09 -11.68
N VAL C 35 -22.40 12.23 -11.07
CA VAL C 35 -23.20 11.06 -10.69
C VAL C 35 -24.67 11.28 -11.08
N PRO C 36 -25.50 10.23 -11.04
CA PRO C 36 -26.91 10.41 -11.35
C PRO C 36 -27.59 11.36 -10.37
N ASP C 37 -28.75 11.84 -10.79
CA ASP C 37 -29.57 12.81 -10.02
C ASP C 37 -30.30 12.01 -8.94
N ALA C 38 -29.54 11.62 -7.93
CA ALA C 38 -29.93 10.73 -6.86
C ALA C 38 -30.49 11.46 -5.65
N GLY C 39 -31.03 10.69 -4.71
CA GLY C 39 -31.55 11.25 -3.47
C GLY C 39 -30.49 11.89 -2.61
N ALA C 40 -29.28 11.35 -2.67
CA ALA C 40 -28.17 11.80 -1.84
C ALA C 40 -26.87 11.38 -2.48
N ILE C 41 -25.85 12.15 -2.17
CA ILE C 41 -24.47 11.82 -2.51
C ILE C 41 -23.67 11.75 -1.20
N GLY C 42 -22.79 10.77 -1.09
CA GLY C 42 -21.92 10.62 0.07
C GLY C 42 -20.48 10.74 -0.40
N ILE C 43 -19.71 11.54 0.33
CA ILE C 43 -18.31 11.80 -0.03
C ILE C 43 -17.45 11.45 1.17
N MET C 44 -16.47 10.56 0.94
CA MET C 44 -15.49 10.19 1.96
CA MET C 44 -15.50 10.20 1.97
C MET C 44 -14.08 10.39 1.45
N THR C 45 -13.21 10.83 2.35
CA THR C 45 -11.78 10.82 2.10
C THR C 45 -11.11 10.10 3.23
N LEU C 46 -10.08 9.33 2.86
CA LEU C 46 -9.32 8.59 3.86
C LEU C 46 -7.90 8.35 3.39
N THR C 47 -7.03 8.03 4.34
CA THR C 47 -5.64 7.62 3.99
C THR C 47 -5.28 6.41 4.85
N PRO C 48 -4.43 5.52 4.32
CA PRO C 48 -3.79 5.55 3.01
C PRO C 48 -4.74 5.55 1.83
N GLY C 49 -4.38 6.26 0.77
CA GLY C 49 -5.33 6.49 -0.33
C GLY C 49 -5.80 5.23 -1.03
N GLU C 50 -4.91 4.25 -1.15
CA GLU C 50 -5.27 2.99 -1.76
C GLU C 50 -6.35 2.19 -1.03
N THR C 51 -6.64 2.57 0.22
CA THR C 51 -7.68 1.89 0.99
C THR C 51 -9.11 2.42 0.74
N ALA C 52 -9.28 3.35 -0.18
CA ALA C 52 -10.63 3.73 -0.58
C ALA C 52 -11.47 2.52 -0.99
N MET C 53 -10.86 1.52 -1.64
CA MET C 53 -11.60 0.33 -2.03
C MET C 53 -12.21 -0.41 -0.83
N ILE C 54 -11.53 -0.36 0.32
CA ILE C 54 -12.05 -0.98 1.55
C ILE C 54 -13.37 -0.29 1.95
N ALA C 55 -13.33 1.03 1.97
CA ALA C 55 -14.53 1.83 2.24
C ALA C 55 -15.63 1.60 1.21
N GLY C 56 -15.27 1.53 -0.07
CA GLY C 56 -16.25 1.22 -1.10
C GLY C 56 -17.02 -0.06 -0.84
N ASP C 57 -16.29 -1.12 -0.49
CA ASP C 57 -16.90 -2.39 -0.22
C ASP C 57 -17.79 -2.33 1.00
N LEU C 58 -17.32 -1.71 2.07
CA LEU C 58 -18.16 -1.59 3.26
C LEU C 58 -19.45 -0.84 2.94
N ALA C 59 -19.36 0.19 2.09
CA ALA C 59 -20.56 1.00 1.75
C ALA C 59 -21.54 0.18 0.94
N LEU C 60 -21.04 -0.53 -0.07
CA LEU C 60 -21.91 -1.39 -0.89
C LEU C 60 -22.58 -2.50 -0.10
N LYS C 61 -21.86 -3.07 0.85
CA LYS C 61 -22.37 -4.18 1.65
C LYS C 61 -23.40 -3.67 2.66
N ALA C 62 -23.30 -2.39 3.02
CA ALA C 62 -24.16 -1.82 4.06
C ALA C 62 -25.55 -1.40 3.61
N ALA C 63 -25.68 -0.94 2.37
CA ALA C 63 -26.91 -0.33 1.92
C ALA C 63 -26.98 -0.27 0.41
N ASP C 64 -28.16 0.07 -0.10
CA ASP C 64 -28.40 0.14 -1.52
C ASP C 64 -27.89 1.40 -2.15
N VAL C 65 -26.57 1.50 -2.19
CA VAL C 65 -25.86 2.60 -2.80
C VAL C 65 -25.03 2.12 -3.98
N HIS C 66 -24.62 3.06 -4.81
CA HIS C 66 -23.72 2.82 -5.91
C HIS C 66 -22.50 3.72 -5.82
N ILE C 67 -21.42 3.28 -6.44
CA ILE C 67 -20.18 4.03 -6.43
C ILE C 67 -20.15 4.99 -7.63
N GLY C 68 -20.06 6.27 -7.34
CA GLY C 68 -19.89 7.29 -8.38
C GLY C 68 -18.42 7.53 -8.71
N PHE C 69 -17.57 7.50 -7.70
CA PHE C 69 -16.14 7.67 -7.90
C PHE C 69 -15.37 6.77 -6.94
N LEU C 70 -14.41 6.04 -7.51
CA LEU C 70 -13.43 5.27 -6.74
C LEU C 70 -12.34 4.93 -7.74
N ASP C 71 -11.10 5.03 -7.32
CA ASP C 71 -9.98 4.56 -8.12
C ASP C 71 -8.95 3.88 -7.24
N ARG C 72 -7.80 3.52 -7.81
CA ARG C 72 -6.84 2.75 -7.07
C ARG C 72 -6.16 3.50 -5.93
N PHE C 73 -5.88 4.81 -6.13
CA PHE C 73 -4.94 5.49 -5.25
C PHE C 73 -5.41 6.79 -4.62
N SER C 74 -6.51 7.37 -5.07
CA SER C 74 -6.86 8.75 -4.67
CA SER C 74 -6.84 8.76 -4.69
C SER C 74 -7.30 8.99 -3.24
N GLY C 75 -7.79 7.95 -2.57
CA GLY C 75 -8.30 8.09 -1.19
C GLY C 75 -9.62 8.84 -1.10
N ALA C 76 -10.35 8.89 -2.20
CA ALA C 76 -11.67 9.54 -2.26
C ALA C 76 -12.69 8.54 -2.74
N LEU C 77 -13.87 8.58 -2.12
CA LEU C 77 -14.97 7.72 -2.47
C LEU C 77 -16.23 8.58 -2.56
N VAL C 78 -16.94 8.45 -3.67
CA VAL C 78 -18.23 9.10 -3.82
C VAL C 78 -19.26 8.02 -4.06
N ILE C 79 -20.33 8.04 -3.26
CA ILE C 79 -21.43 7.11 -3.41
C ILE C 79 -22.71 7.89 -3.63
N TYR C 80 -23.74 7.19 -4.10
CA TYR C 80 -25.04 7.83 -4.30
C TYR C 80 -26.17 6.83 -4.14
N GLY C 81 -27.36 7.33 -3.84
CA GLY C 81 -28.53 6.50 -3.60
C GLY C 81 -29.56 7.30 -2.84
N SER C 82 -30.48 6.63 -2.18
CA SER C 82 -31.46 7.33 -1.36
C SER C 82 -30.77 7.98 -0.14
N VAL C 83 -31.41 8.97 0.46
CA VAL C 83 -30.84 9.58 1.64
C VAL C 83 -30.58 8.58 2.75
N GLY C 84 -31.55 7.69 3.00
CA GLY C 84 -31.38 6.70 4.03
C GLY C 84 -30.27 5.73 3.72
N ALA C 85 -30.15 5.33 2.46
CA ALA C 85 -29.13 4.37 2.05
C ALA C 85 -27.77 5.00 2.19
N VAL C 86 -27.62 6.23 1.73
CA VAL C 86 -26.31 6.91 1.80
C VAL C 86 -25.95 7.13 3.27
N GLU C 87 -26.89 7.59 4.08
CA GLU C 87 -26.64 7.75 5.52
C GLU C 87 -26.18 6.46 6.20
N GLU C 88 -26.87 5.36 5.91
CA GLU C 88 -26.50 4.06 6.46
C GLU C 88 -25.12 3.60 5.99
N ALA C 89 -24.84 3.80 4.70
CA ALA C 89 -23.55 3.38 4.10
C ALA C 89 -22.43 4.17 4.75
N LEU C 90 -22.61 5.47 4.87
CA LEU C 90 -21.56 6.31 5.52
C LEU C 90 -21.34 5.91 6.97
N SER C 91 -22.42 5.74 7.71
CA SER C 91 -22.31 5.43 9.13
CA SER C 91 -22.36 5.40 9.13
C SER C 91 -21.65 4.06 9.34
N GLN C 92 -22.04 3.05 8.56
CA GLN C 92 -21.49 1.71 8.71
C GLN C 92 -20.05 1.63 8.23
N THR C 93 -19.71 2.42 7.22
CA THR C 93 -18.35 2.46 6.68
C THR C 93 -17.40 3.09 7.69
N VAL C 94 -17.78 4.25 8.23
CA VAL C 94 -16.95 4.91 9.23
C VAL C 94 -16.79 4.00 10.45
N SER C 95 -17.90 3.46 10.96
CA SER C 95 -17.86 2.57 12.12
CA SER C 95 -17.80 2.63 12.14
C SER C 95 -17.00 1.34 11.85
N GLY C 96 -17.18 0.75 10.66
CA GLY C 96 -16.41 -0.43 10.24
C GLY C 96 -14.92 -0.20 10.14
N LEU C 97 -14.53 0.93 9.55
CA LEU C 97 -13.10 1.26 9.47
C LEU C 97 -12.48 1.43 10.85
N GLY C 98 -13.21 2.05 11.77
CA GLY C 98 -12.80 2.18 13.16
C GLY C 98 -12.67 0.85 13.90
N ARG C 99 -13.70 0.02 13.79
CA ARG C 99 -13.80 -1.22 14.55
C ARG C 99 -12.90 -2.33 13.99
N LEU C 100 -12.98 -2.55 12.68
CA LEU C 100 -12.22 -3.63 12.03
C LEU C 100 -10.73 -3.28 11.91
N LEU C 101 -10.45 -2.04 11.50
CA LEU C 101 -9.12 -1.65 11.02
C LEU C 101 -8.44 -0.54 11.83
N ASN C 102 -9.07 -0.13 12.94
CA ASN C 102 -8.51 0.86 13.85
CA ASN C 102 -8.50 0.86 13.85
C ASN C 102 -8.14 2.19 13.15
N TYR C 103 -8.99 2.64 12.21
CA TYR C 103 -8.83 3.97 11.65
C TYR C 103 -9.22 5.00 12.71
N THR C 104 -8.53 6.13 12.70
CA THR C 104 -8.99 7.32 13.43
C THR C 104 -10.13 7.92 12.62
N LEU C 105 -11.18 8.35 13.30
CA LEU C 105 -12.42 8.74 12.64
C LEU C 105 -12.78 10.21 12.80
N CYS C 106 -13.37 10.78 11.76
CA CYS C 106 -13.98 12.11 11.83
C CYS C 106 -15.47 11.96 12.16
N GLU C 107 -16.12 13.09 12.43
CA GLU C 107 -17.56 13.09 12.61
C GLU C 107 -18.25 13.06 11.23
N MET C 108 -19.43 12.45 11.14
CA MET C 108 -20.27 12.56 9.96
CA MET C 108 -20.23 12.57 9.90
C MET C 108 -20.78 13.99 9.87
N THR C 109 -20.77 14.55 8.66
CA THR C 109 -21.34 15.87 8.41
C THR C 109 -22.42 15.74 7.34
N LYS C 110 -23.32 16.71 7.30
CA LYS C 110 -24.42 16.66 6.35
C LYS C 110 -24.74 18.05 5.85
N SER C 111 -25.19 18.11 4.59
CA SER C 111 -25.73 19.33 4.02
CA SER C 111 -25.70 19.32 3.96
C SER C 111 -27.13 19.08 3.47
N LEU C 112 -28.05 20.00 3.72
CA LEU C 112 -29.37 19.91 3.05
C LEU C 112 -29.79 21.31 2.65
N GLU C 113 -30.28 21.48 1.43
CA GLU C 113 -30.65 22.82 0.90
C GLU C 113 -32.17 22.92 0.79
CL CL D . -11.94 -15.98 -8.64
C1 GOL E . 13.66 6.36 -13.43
O1 GOL E . 13.60 6.85 -12.10
C2 GOL E . 13.30 4.88 -13.43
O2 GOL E . 13.07 4.47 -12.10
C3 GOL E . 14.34 4.02 -14.17
O3 GOL E . 15.57 3.86 -13.50
C1 GOL F . 34.10 6.49 8.09
O1 GOL F . 33.32 5.87 7.09
C2 GOL F . 33.32 6.51 9.42
O2 GOL F . 33.79 7.56 10.24
C3 GOL F . 33.46 5.17 10.14
O3 GOL F . 33.01 5.26 11.47
C1 GOL G . 37.79 2.27 3.74
O1 GOL G . 37.38 0.93 3.86
C2 GOL G . 37.42 3.05 5.00
O2 GOL G . 36.35 3.97 4.78
C3 GOL G . 38.63 3.84 5.49
O3 GOL G . 38.20 4.77 6.46
C1 GOL H . 18.28 -19.49 -11.44
O1 GOL H . 18.19 -20.43 -10.39
C2 GOL H . 19.75 -19.24 -11.80
O2 GOL H . 20.59 -19.57 -10.70
C3 GOL H . 19.99 -17.79 -12.18
O3 GOL H . 19.95 -17.58 -13.58
C1 GOL I . 13.93 11.78 -12.34
O1 GOL I . 15.07 11.88 -13.16
C2 GOL I . 14.11 10.66 -11.33
O2 GOL I . 13.67 9.44 -11.89
C3 GOL I . 13.33 10.95 -10.05
O3 GOL I . 12.93 9.77 -9.41
C1 GOL J . 7.93 10.13 -8.91
O1 GOL J . 7.71 10.43 -10.26
C2 GOL J . 9.43 9.96 -8.70
O2 GOL J . 10.12 9.82 -9.91
C3 GOL J . 9.68 8.70 -7.90
O3 GOL J . 8.65 8.44 -7.01
C3' NHE K . -14.82 15.45 -6.77
C2' NHE K . -15.55 15.20 -8.07
C1' NHE K . -14.87 14.11 -8.86
C6' NHE K . -14.85 12.82 -8.06
N NHE K . -15.54 13.91 -10.13
C1 NHE K . -14.91 14.45 -11.31
C2 NHE K . -15.83 14.49 -12.53
S NHE K . -14.94 15.10 -13.80
O1 NHE K . -13.83 14.17 -14.13
O2 NHE K . -14.38 16.42 -13.43
O3 NHE K . -15.83 15.24 -14.99
C5' NHE K . -14.16 13.02 -6.72
C4' NHE K . -14.79 14.18 -5.93
S SO4 L . -1.39 -2.83 -13.62
O1 SO4 L . -1.33 -3.91 -12.63
O2 SO4 L . -2.70 -2.81 -14.28
O3 SO4 L . -1.15 -1.56 -12.95
O4 SO4 L . -0.34 -3.04 -14.61
C1 GOL M . -28.52 20.50 -2.33
O1 GOL M . -27.94 21.31 -3.33
C2 GOL M . -27.53 20.01 -1.28
O2 GOL M . -28.18 19.57 -0.14
C3 GOL M . -26.48 21.01 -0.81
O3 GOL M . -25.96 21.83 -1.86
C1 GOL N . -28.69 -3.93 -0.85
O1 GOL N . -27.90 -3.37 -1.89
C2 GOL N . -28.07 -3.56 0.48
O2 GOL N . -26.66 -3.80 0.45
C3 GOL N . -28.72 -4.31 1.63
O3 GOL N . -27.92 -4.22 2.78
#